data_6Z7A
#
_entry.id   6Z7A
#
_cell.length_a   47.042
_cell.length_b   71.062
_cell.length_c   130.453
_cell.angle_alpha   90.000
_cell.angle_beta   90.000
_cell.angle_gamma   90.000
#
_symmetry.space_group_name_H-M   'P 21 21 2'
#
loop_
_entity.id
_entity.type
_entity.pdbx_description
1 polymer 'Variant surface glycoprotein Sur'
2 branched alpha-D-mannopyranose-(1-2)-alpha-D-mannopyranose-(1-3)-[alpha-D-mannopyranose-(1-6)]beta-D-mannopyranose-(1-4)-2-acetamido-2-deoxy-beta-D-glucopyranose-(1-4)-2-acetamido-2-deoxy-beta-D-glucopyranose
3 water water
#
_entity_poly.entity_id   1
_entity_poly.type   'polypeptide(L)'
_entity_poly.pdbx_seq_one_letter_code
;MQAVTRFFRHLITLTAVALLAAFLDTVNAAKDTAAGHVTTPCTEILFDLTLAKHYENQIQAAESALNRNYAAIRSWTLLE
AMSSDGNRQNAYTGLIAYGIQITVNAEQELQGPKQTKLRAAHALRHRAANLSAALQIQAAQQATLTKPTAGGAQTPFSGA
TGTCKYEGITATAGEQSCKYSTEDEEKINAAHMNPEVMTQITTIGDKYLTTITLDAIAGSKGNPTQSSATYAEQDCQDGG
NPGPNFGGANALGLQVTKLGTKATTEKTNLYTAGGTECEHQPGNGPQKTKQRLAYLVCEANKAAIITPTDLQTLTLDALI
SAPEMAAIGDALLTDEPATEKEYSSAQHTQIQQLLKKAYGQTNEQFQKNFIKPLAAQTVKFKIGGAEVSNTVAALMSSPN
SGLALAYHKGKNKLQHQVKPDTPLVESKKGSECQVIEDKEKCKTTYGCELKGDKCVVKMTTKGEVTGTQNTTGSNSFVIK
KAPLLLAFLLF
;
_entity_poly.pdbx_strand_id   A
#
# COMPACT_ATOMS: atom_id res chain seq x y z
N ALA A 30 -21.20 -7.97 0.55
CA ALA A 30 -21.06 -8.12 -0.92
C ALA A 30 -19.58 -8.33 -1.29
N LYS A 31 -19.28 -9.08 -2.34
CA LYS A 31 -17.88 -9.29 -2.62
C LYS A 31 -17.35 -8.27 -3.64
N ASP A 32 -16.10 -7.94 -3.47
CA ASP A 32 -15.32 -7.31 -4.53
C ASP A 32 -15.81 -5.90 -4.94
N THR A 33 -16.39 -5.15 -3.98
CA THR A 33 -16.79 -3.79 -4.31
C THR A 33 -15.60 -2.95 -4.79
N ALA A 34 -14.45 -3.05 -4.10
CA ALA A 34 -13.32 -2.23 -4.46
C ALA A 34 -12.67 -2.66 -5.78
N ALA A 35 -12.39 -3.95 -5.94
CA ALA A 35 -11.76 -4.41 -7.19
C ALA A 35 -12.70 -4.28 -8.37
N GLY A 36 -14.01 -4.40 -8.13
CA GLY A 36 -14.93 -4.22 -9.19
C GLY A 36 -15.14 -2.78 -9.64
N HIS A 37 -14.50 -1.83 -8.95
CA HIS A 37 -14.49 -0.47 -9.39
C HIS A 37 -13.21 -0.15 -10.13
N VAL A 38 -12.29 -1.08 -10.29
CA VAL A 38 -11.06 -0.86 -11.05
C VAL A 38 -11.38 -1.13 -12.51
N THR A 39 -11.41 -0.05 -13.29
CA THR A 39 -11.72 -0.11 -14.70
C THR A 39 -10.74 0.66 -15.58
N THR A 40 -9.73 1.28 -14.97
CA THR A 40 -8.82 2.21 -15.63
C THR A 40 -7.48 2.11 -14.96
N PRO A 41 -6.41 2.59 -15.62
CA PRO A 41 -5.11 2.65 -14.94
C PRO A 41 -5.19 3.46 -13.62
N CYS A 42 -5.84 4.63 -13.66
CA CYS A 42 -5.90 5.38 -12.44
C CYS A 42 -6.62 4.73 -11.30
N THR A 43 -7.72 3.98 -11.60
CA THR A 43 -8.38 3.30 -10.55
C THR A 43 -7.61 2.05 -10.03
N GLU A 44 -6.83 1.41 -10.91
CA GLU A 44 -5.95 0.36 -10.39
C GLU A 44 -4.90 0.95 -9.44
N ILE A 45 -4.32 2.10 -9.83
CA ILE A 45 -3.36 2.77 -8.96
C ILE A 45 -4.00 3.02 -7.59
N LEU A 46 -5.23 3.59 -7.61
CA LEU A 46 -5.88 3.90 -6.36
C LEU A 46 -6.11 2.64 -5.52
N PHE A 47 -6.57 1.57 -6.16
CA PHE A 47 -6.75 0.31 -5.42
C PHE A 47 -5.48 -0.20 -4.77
N ASP A 48 -4.40 -0.16 -5.57
CA ASP A 48 -3.15 -0.72 -5.13
C ASP A 48 -2.61 0.05 -3.93
N LEU A 49 -2.65 1.39 -4.02
CA LEU A 49 -2.15 2.21 -2.94
C LEU A 49 -3.05 2.15 -1.72
N THR A 50 -4.36 2.07 -1.93
CA THR A 50 -5.28 2.00 -0.82
C THR A 50 -5.15 0.71 -0.05
N LEU A 51 -4.97 -0.41 -0.78
CA LEU A 51 -4.77 -1.70 -0.12
C LEU A 51 -3.40 -1.76 0.58
N ALA A 52 -2.35 -1.22 -0.04
CA ALA A 52 -1.05 -1.16 0.62
C ALA A 52 -1.18 -0.40 1.93
N LYS A 53 -1.84 0.78 1.91
CA LYS A 53 -2.01 1.55 3.12
C LYS A 53 -2.86 0.84 4.13
N HIS A 54 -3.84 0.06 3.69
CA HIS A 54 -4.64 -0.72 4.65
C HIS A 54 -3.78 -1.70 5.42
N TYR A 55 -2.94 -2.45 4.73
CA TYR A 55 -2.02 -3.39 5.41
C TYR A 55 -1.06 -2.65 6.33
N GLU A 56 -0.49 -1.53 5.87
CA GLU A 56 0.43 -0.75 6.69
C GLU A 56 -0.29 -0.22 7.93
N ASN A 57 -1.53 0.20 7.78
CA ASN A 57 -2.30 0.70 8.91
C ASN A 57 -2.64 -0.42 9.91
N GLN A 58 -2.89 -1.63 9.42
CA GLN A 58 -3.14 -2.75 10.33
C GLN A 58 -1.93 -3.00 11.21
N ILE A 59 -0.74 -2.95 10.61
CA ILE A 59 0.50 -3.12 11.37
C ILE A 59 0.69 -1.96 12.35
N GLN A 60 0.48 -0.71 11.92
CA GLN A 60 0.65 0.44 12.79
C GLN A 60 -0.32 0.34 13.96
N ALA A 61 -1.56 -0.09 13.72
CA ALA A 61 -2.52 -0.18 14.82
C ALA A 61 -2.12 -1.26 15.82
N ALA A 62 -1.62 -2.39 15.35
CA ALA A 62 -1.16 -3.40 16.29
C ALA A 62 0.03 -2.92 17.06
N GLU A 63 0.98 -2.23 16.44
CA GLU A 63 2.13 -1.74 17.17
C GLU A 63 1.79 -0.66 18.15
N SER A 64 0.82 0.18 17.80
CA SER A 64 0.38 1.19 18.75
CA SER A 64 0.35 1.20 18.75
C SER A 64 -0.24 0.52 19.96
N ALA A 65 -0.97 -0.54 19.76
CA ALA A 65 -1.57 -1.25 20.87
C ALA A 65 -0.50 -1.85 21.76
N LEU A 66 0.56 -2.40 21.17
CA LEU A 66 1.63 -2.91 21.97
C LEU A 66 2.28 -1.81 22.77
N ASN A 67 2.52 -0.67 22.13
CA ASN A 67 3.17 0.41 22.83
C ASN A 67 2.32 0.96 23.96
N ARG A 68 1.02 1.04 23.77
CA ARG A 68 0.13 1.40 24.89
C ARG A 68 0.25 0.41 26.05
N ASN A 69 0.34 -0.89 25.74
CA ASN A 69 0.46 -1.91 26.79
C ASN A 69 1.78 -1.78 27.49
N TYR A 70 2.88 -1.55 26.79
CA TYR A 70 4.16 -1.40 27.47
C TYR A 70 4.16 -0.14 28.34
N ALA A 71 3.47 0.90 27.90
CA ALA A 71 3.34 2.10 28.72
C ALA A 71 2.56 1.84 30.00
N ALA A 72 1.51 1.05 29.91
CA ALA A 72 0.74 0.66 31.09
C ALA A 72 1.59 -0.14 32.05
N ILE A 73 2.41 -1.04 31.54
CA ILE A 73 3.28 -1.85 32.39
C ILE A 73 4.27 -0.98 33.13
N ARG A 74 4.88 0.01 32.46
CA ARG A 74 5.76 0.96 33.14
C ARG A 74 5.01 1.74 34.21
N SER A 75 3.77 2.14 33.92
CA SER A 75 2.98 2.89 34.88
C SER A 75 2.69 2.07 36.15
N TRP A 76 2.28 0.81 35.97
CA TRP A 76 2.01 -0.07 37.11
C TRP A 76 3.28 -0.40 37.87
N THR A 77 4.42 -0.45 37.20
CA THR A 77 5.70 -0.63 37.89
C THR A 77 5.96 0.54 38.84
N LEU A 78 5.67 1.76 38.42
CA LEU A 78 5.83 2.88 39.33
C LEU A 78 4.83 2.77 40.49
N LEU A 79 3.57 2.43 40.20
CA LEU A 79 2.60 2.37 41.29
C LEU A 79 2.95 1.27 42.26
N GLU A 80 3.50 0.15 41.79
CA GLU A 80 3.93 -0.88 42.73
C GLU A 80 4.98 -0.34 43.69
N ALA A 81 5.97 0.37 43.15
CA ALA A 81 7.04 0.97 43.94
C ALA A 81 6.53 2.00 44.94
N MET A 82 5.40 2.64 44.66
CA MET A 82 4.84 3.69 45.53
C MET A 82 3.91 3.15 46.62
N SER A 83 3.48 1.92 46.55
CA SER A 83 2.55 1.45 47.57
C SER A 83 3.32 0.81 48.71
N SER A 84 2.74 0.88 49.88
CA SER A 84 3.31 0.26 51.07
C SER A 84 2.55 -0.97 51.52
N ASP A 85 1.35 -1.22 50.96
CA ASP A 85 0.57 -2.37 51.33
C ASP A 85 1.00 -3.57 50.52
N GLY A 86 1.35 -4.66 51.21
CA GLY A 86 1.77 -5.85 50.49
C GLY A 86 0.69 -6.39 49.57
N ASN A 87 -0.57 -6.25 49.93
CA ASN A 87 -1.59 -6.83 49.06
C ASN A 87 -1.84 -5.96 47.84
N ARG A 88 -1.82 -4.64 48.01
CA ARG A 88 -1.92 -3.76 46.87
C ARG A 88 -0.69 -3.92 45.96
N GLN A 89 0.50 -4.07 46.53
CA GLN A 89 1.71 -4.33 45.75
C GLN A 89 1.58 -5.59 44.92
N ASN A 90 1.11 -6.67 45.53
CA ASN A 90 0.92 -7.94 44.81
C ASN A 90 -0.09 -7.75 43.69
N ALA A 91 -1.15 -6.96 43.91
CA ALA A 91 -2.13 -6.70 42.86
C ALA A 91 -1.48 -6.02 41.65
N TYR A 92 -0.66 -4.99 41.89
CA TYR A 92 0.03 -4.35 40.78
C TYR A 92 0.95 -5.33 40.09
N THR A 93 1.64 -6.16 40.85
CA THR A 93 2.50 -7.17 40.27
C THR A 93 1.72 -8.10 39.38
N GLY A 94 0.48 -8.41 39.75
CA GLY A 94 -0.31 -9.29 38.93
C GLY A 94 -0.64 -8.65 37.58
N LEU A 95 -0.91 -7.33 37.58
CA LEU A 95 -1.18 -6.61 36.33
C LEU A 95 0.08 -6.47 35.48
N ILE A 96 1.23 -6.24 36.11
CA ILE A 96 2.49 -6.23 35.39
C ILE A 96 2.76 -7.57 34.74
N ALA A 97 2.61 -8.65 35.52
CA ALA A 97 2.87 -9.97 34.99
C ALA A 97 1.93 -10.30 33.82
N TYR A 98 0.64 -10.04 34.01
CA TYR A 98 -0.35 -10.24 32.96
C TYR A 98 0.04 -9.44 31.72
N GLY A 99 0.30 -8.15 31.91
CA GLY A 99 0.69 -7.30 30.79
C GLY A 99 1.90 -7.80 30.05
N ILE A 100 2.94 -8.21 30.77
CA ILE A 100 4.15 -8.67 30.11
C ILE A 100 3.84 -9.91 29.30
N GLN A 101 3.12 -10.84 29.90
CA GLN A 101 2.82 -12.08 29.22
C GLN A 101 2.08 -11.82 27.93
N ILE A 102 0.98 -11.07 28.01
CA ILE A 102 0.16 -10.96 26.81
C ILE A 102 0.81 -10.05 25.75
N THR A 103 1.61 -9.09 26.16
CA THR A 103 2.16 -8.13 25.22
C THR A 103 3.42 -8.67 24.55
N VAL A 104 4.30 -9.32 25.30
CA VAL A 104 5.43 -10.03 24.70
C VAL A 104 4.92 -11.09 23.73
N ASN A 105 3.91 -11.86 24.11
CA ASN A 105 3.37 -12.88 23.21
CA ASN A 105 3.37 -12.87 23.21
C ASN A 105 2.81 -12.25 21.95
N ALA A 106 2.01 -11.23 22.10
CA ALA A 106 1.41 -10.60 20.94
C ALA A 106 2.47 -9.97 20.04
N GLU A 107 3.53 -9.46 20.61
CA GLU A 107 4.56 -8.88 19.78
C GLU A 107 5.30 -9.95 18.99
N GLN A 108 5.54 -11.11 19.59
CA GLN A 108 6.13 -12.22 18.87
C GLN A 108 5.20 -12.68 17.75
N GLU A 109 3.90 -12.85 18.09
CA GLU A 109 2.94 -13.37 17.13
CA GLU A 109 2.91 -13.35 17.14
C GLU A 109 2.68 -12.39 15.97
N LEU A 110 2.94 -11.12 16.18
CA LEU A 110 2.73 -10.13 15.14
C LEU A 110 3.74 -10.30 14.01
N GLN A 111 4.94 -10.81 14.27
CA GLN A 111 6.02 -10.66 13.31
C GLN A 111 5.74 -11.35 11.95
N GLY A 112 5.24 -12.59 11.95
CA GLY A 112 4.94 -13.30 10.72
C GLY A 112 3.91 -12.54 9.90
N PRO A 113 2.73 -12.24 10.47
CA PRO A 113 1.74 -11.44 9.72
C PRO A 113 2.26 -10.12 9.26
N LYS A 114 3.03 -9.44 10.08
CA LYS A 114 3.63 -8.19 9.66
C LYS A 114 4.49 -8.36 8.41
N GLN A 115 5.33 -9.37 8.39
CA GLN A 115 6.19 -9.51 7.23
C GLN A 115 5.39 -9.86 5.99
N THR A 116 4.37 -10.71 6.16
CA THR A 116 3.51 -11.07 5.03
C THR A 116 2.78 -9.87 4.47
N LYS A 117 2.18 -9.10 5.36
CA LYS A 117 1.46 -7.90 4.94
C LYS A 117 2.40 -6.87 4.31
N LEU A 118 3.62 -6.69 4.84
CA LEU A 118 4.55 -5.75 4.22
C LEU A 118 5.05 -6.22 2.87
N ARG A 119 5.20 -7.54 2.66
CA ARG A 119 5.58 -8.00 1.32
C ARG A 119 4.51 -7.57 0.32
N ALA A 120 3.23 -7.71 0.68
CA ALA A 120 2.17 -7.32 -0.24
C ALA A 120 2.13 -5.80 -0.41
N ALA A 121 2.25 -5.04 0.68
CA ALA A 121 2.22 -3.59 0.57
C ALA A 121 3.34 -3.06 -0.31
N HIS A 122 4.52 -3.63 -0.19
CA HIS A 122 5.65 -3.23 -1.00
CA HIS A 122 5.64 -3.18 -1.00
C HIS A 122 5.38 -3.51 -2.48
N ALA A 123 4.85 -4.69 -2.79
CA ALA A 123 4.58 -5.08 -4.16
C ALA A 123 3.50 -4.20 -4.78
N LEU A 124 2.46 -3.93 -4.00
CA LEU A 124 1.37 -3.05 -4.46
C LEU A 124 1.83 -1.65 -4.77
N ARG A 125 2.68 -1.11 -3.92
CA ARG A 125 3.24 0.21 -4.18
C ARG A 125 4.18 0.20 -5.42
N HIS A 126 4.94 -0.89 -5.59
CA HIS A 126 5.80 -1.03 -6.76
C HIS A 126 4.96 -1.05 -8.03
N ARG A 127 3.87 -1.82 -8.02
CA ARG A 127 2.98 -1.88 -9.16
C ARG A 127 2.35 -0.52 -9.46
N ALA A 128 1.87 0.16 -8.40
CA ALA A 128 1.24 1.45 -8.64
C ALA A 128 2.24 2.45 -9.24
N ALA A 129 3.51 2.38 -8.78
CA ALA A 129 4.51 3.21 -9.40
C ALA A 129 4.71 2.91 -10.85
N ASN A 130 4.90 1.62 -11.15
CA ASN A 130 5.06 1.18 -12.52
C ASN A 130 3.93 1.72 -13.39
N LEU A 131 2.70 1.50 -12.97
CA LEU A 131 1.55 1.88 -13.77
CA LEU A 131 1.54 1.88 -13.76
C LEU A 131 1.46 3.39 -13.97
N SER A 132 1.81 4.16 -12.94
CA SER A 132 1.82 5.61 -13.07
CA SER A 132 1.80 5.61 -13.08
C SER A 132 2.85 6.06 -14.09
N ALA A 133 4.03 5.42 -14.12
CA ALA A 133 5.05 5.73 -15.07
C ALA A 133 4.64 5.38 -16.46
N ALA A 134 4.02 4.22 -16.62
CA ALA A 134 3.48 3.84 -17.91
C ALA A 134 2.42 4.79 -18.39
N LEU A 135 1.51 5.20 -17.50
CA LEU A 135 0.46 6.16 -17.84
CA LEU A 135 0.46 6.18 -17.80
C LEU A 135 1.06 7.41 -18.43
N GLN A 136 2.15 7.92 -17.85
CA GLN A 136 2.74 9.13 -18.39
C GLN A 136 3.20 8.95 -19.81
N ILE A 137 3.87 7.79 -20.09
CA ILE A 137 4.33 7.52 -21.45
C ILE A 137 3.18 7.26 -22.43
N GLN A 138 2.16 6.53 -22.00
CA GLN A 138 1.06 6.20 -22.89
C GLN A 138 0.19 7.41 -23.17
N ALA A 139 0.39 8.51 -22.43
CA ALA A 139 -0.29 9.75 -22.74
C ALA A 139 0.41 10.55 -23.83
N ALA A 140 1.59 10.14 -24.23
CA ALA A 140 2.33 10.84 -25.27
C ALA A 140 1.81 10.44 -26.66
N GLN A 141 0.73 11.09 -27.07
CA GLN A 141 -0.08 10.65 -28.17
C GLN A 141 -0.02 11.48 -29.42
N GLN A 142 0.73 12.58 -29.33
CA GLN A 142 0.88 13.50 -30.49
C GLN A 142 2.37 13.60 -30.76
N ALA A 143 2.72 13.40 -32.01
CA ALA A 143 4.09 13.48 -32.40
C ALA A 143 4.51 14.87 -32.90
N THR A 144 5.79 15.20 -32.72
CA THR A 144 6.46 16.36 -33.28
C THR A 144 7.37 15.83 -34.35
N LEU A 145 7.12 16.27 -35.59
CA LEU A 145 7.98 15.86 -36.70
C LEU A 145 9.21 16.74 -36.71
N THR A 146 10.32 16.15 -37.14
CA THR A 146 11.53 16.87 -37.46
C THR A 146 11.57 17.18 -38.98
N LYS A 147 12.55 18.01 -39.33
CA LYS A 147 12.73 18.37 -40.73
C LYS A 147 13.38 17.17 -41.40
N PRO A 148 12.82 16.64 -42.47
CA PRO A 148 13.38 15.44 -43.08
C PRO A 148 14.52 15.76 -44.04
N THR A 149 15.13 14.70 -44.58
CA THR A 149 16.13 14.78 -45.65
CA THR A 149 16.11 14.80 -45.66
C THR A 149 15.66 13.90 -46.81
N ALA A 150 15.70 14.47 -48.02
CA ALA A 150 15.28 13.77 -49.20
C ALA A 150 16.44 12.88 -49.70
N GLY A 151 16.07 11.74 -50.27
CA GLY A 151 17.02 10.90 -50.94
C GLY A 151 16.38 10.22 -52.13
N GLY A 152 17.17 9.39 -52.78
CA GLY A 152 16.64 8.46 -53.76
C GLY A 152 16.51 7.08 -53.14
N ALA A 153 16.97 6.03 -53.83
CA ALA A 153 17.00 4.70 -53.23
C ALA A 153 17.97 4.72 -52.04
N GLN A 154 17.57 4.11 -50.92
CA GLN A 154 18.42 3.93 -49.75
C GLN A 154 17.72 2.96 -48.82
N THR A 155 18.48 2.23 -48.03
CA THR A 155 17.86 1.30 -47.09
C THR A 155 16.87 2.06 -46.21
N PRO A 156 15.70 1.47 -45.93
CA PRO A 156 15.21 0.12 -46.26
C PRO A 156 14.36 0.04 -47.52
N PHE A 157 14.55 1.01 -48.41
CA PHE A 157 13.82 1.10 -49.68
C PHE A 157 14.81 1.16 -50.85
N SER A 158 15.44 0.03 -51.10
CA SER A 158 16.46 -0.04 -52.13
C SER A 158 15.85 0.08 -53.53
N GLY A 159 14.55 -0.12 -53.65
CA GLY A 159 13.86 0.04 -54.92
C GLY A 159 13.13 1.35 -55.13
N ALA A 160 13.20 2.28 -54.17
CA ALA A 160 12.51 3.56 -54.32
C ALA A 160 13.31 4.49 -55.24
N THR A 161 12.58 5.43 -55.87
CA THR A 161 13.19 6.57 -56.57
C THR A 161 13.18 7.83 -55.74
N GLY A 162 12.32 7.84 -54.71
CA GLY A 162 12.28 8.92 -53.73
C GLY A 162 12.16 8.39 -52.34
N THR A 163 12.93 8.98 -51.46
CA THR A 163 12.77 8.71 -50.02
C THR A 163 12.73 10.05 -49.30
N CYS A 164 12.11 10.05 -48.12
CA CYS A 164 12.04 11.22 -47.23
C CYS A 164 12.24 10.66 -45.82
N LYS A 165 13.39 10.96 -45.25
CA LYS A 165 13.88 10.32 -44.01
C LYS A 165 13.82 11.30 -42.85
N TYR A 166 13.17 10.85 -41.77
CA TYR A 166 12.99 11.67 -40.57
C TYR A 166 13.72 11.02 -39.40
N GLU A 167 14.54 11.79 -38.73
CA GLU A 167 15.25 11.30 -37.57
C GLU A 167 14.72 12.02 -36.35
N GLY A 168 14.53 11.28 -35.25
CA GLY A 168 14.20 11.92 -33.96
C GLY A 168 12.83 12.55 -33.87
N ILE A 169 11.84 11.93 -34.50
CA ILE A 169 10.46 12.27 -34.22
C ILE A 169 10.21 11.94 -32.76
N THR A 170 9.50 12.81 -32.01
CA THR A 170 9.26 12.57 -30.61
C THR A 170 7.79 12.75 -30.27
N ALA A 171 7.41 12.16 -29.15
CA ALA A 171 6.09 12.36 -28.54
C ALA A 171 6.29 12.47 -27.06
N THR A 172 5.68 13.52 -26.47
CA THR A 172 5.75 13.77 -25.04
C THR A 172 4.41 14.34 -24.61
N ALA A 173 3.97 14.02 -23.42
CA ALA A 173 2.77 14.60 -22.84
C ALA A 173 3.17 15.57 -21.74
N GLY A 174 2.24 16.48 -21.43
CA GLY A 174 2.31 17.23 -20.19
C GLY A 174 2.20 16.31 -18.99
N GLU A 175 2.47 16.83 -17.82
CA GLU A 175 2.38 16.05 -16.56
C GLU A 175 0.98 15.49 -16.39
N GLN A 176 0.84 14.19 -16.31
CA GLN A 176 -0.46 13.56 -16.12
C GLN A 176 -0.75 13.45 -14.65
N SER A 177 -2.04 13.39 -14.32
CA SER A 177 -2.48 13.18 -12.94
C SER A 177 -3.73 12.34 -12.97
N CYS A 178 -3.93 11.56 -11.94
CA CYS A 178 -5.18 10.80 -11.78
C CYS A 178 -6.16 11.61 -10.94
N LYS A 179 -7.36 11.74 -11.45
CA LYS A 179 -8.44 12.47 -10.82
C LYS A 179 -9.50 11.49 -10.40
N TYR A 180 -9.92 11.56 -9.17
CA TYR A 180 -10.88 10.61 -8.58
C TYR A 180 -12.18 11.31 -8.21
N SER A 181 -13.29 10.67 -8.46
CA SER A 181 -14.59 11.16 -8.03
C SER A 181 -14.84 10.76 -6.61
N THR A 182 -15.87 11.39 -6.00
CA THR A 182 -16.29 11.01 -4.68
C THR A 182 -16.57 9.52 -4.54
N GLU A 183 -17.28 8.99 -5.53
CA GLU A 183 -17.60 7.58 -5.48
CA GLU A 183 -17.61 7.57 -5.49
C GLU A 183 -16.38 6.69 -5.68
N ASP A 184 -15.46 7.10 -6.52
CA ASP A 184 -14.20 6.29 -6.65
C ASP A 184 -13.59 6.12 -5.27
N GLU A 185 -13.51 7.19 -4.47
CA GLU A 185 -12.87 7.09 -3.15
C GLU A 185 -13.71 6.39 -2.11
N GLU A 186 -15.02 6.40 -2.27
N GLU A 186 -15.03 6.35 -2.26
CA GLU A 186 -15.88 5.63 -1.43
CA GLU A 186 -15.87 5.59 -1.37
C GLU A 186 -15.76 4.14 -1.68
C GLU A 186 -15.86 4.10 -1.69
N LYS A 187 -15.75 3.73 -2.96
CA LYS A 187 -15.73 2.31 -3.32
C LYS A 187 -14.32 1.74 -3.21
N ILE A 188 -13.30 2.46 -3.61
CA ILE A 188 -11.92 1.94 -3.55
C ILE A 188 -11.37 2.51 -2.26
N ASN A 189 -11.63 1.81 -1.16
CA ASN A 189 -11.51 2.29 0.18
C ASN A 189 -11.26 1.12 1.11
N ALA A 190 -10.44 1.37 2.14
CA ALA A 190 -10.11 0.36 3.11
C ALA A 190 -11.37 -0.25 3.74
N ALA A 191 -12.47 0.52 3.84
CA ALA A 191 -13.71 -0.03 4.38
C ALA A 191 -14.25 -1.24 3.60
N HIS A 192 -13.82 -1.39 2.34
CA HIS A 192 -14.20 -2.47 1.47
C HIS A 192 -13.05 -3.47 1.29
N MET A 193 -12.06 -3.45 2.17
CA MET A 193 -10.87 -4.32 1.99
C MET A 193 -10.64 -5.25 3.18
N ASN A 194 -11.68 -5.62 3.90
CA ASN A 194 -11.62 -6.69 4.85
C ASN A 194 -11.50 -8.02 4.09
N PRO A 195 -10.81 -9.00 4.65
CA PRO A 195 -10.58 -10.25 3.90
C PRO A 195 -11.82 -10.98 3.49
N GLU A 196 -12.89 -10.87 4.29
CA GLU A 196 -14.07 -11.66 4.03
C GLU A 196 -14.75 -11.25 2.75
N VAL A 197 -14.42 -10.07 2.19
CA VAL A 197 -15.09 -9.58 1.00
C VAL A 197 -14.22 -9.62 -0.25
N MET A 198 -12.97 -10.09 -0.20
CA MET A 198 -12.07 -9.97 -1.33
C MET A 198 -11.82 -11.34 -1.93
N THR A 199 -12.17 -11.49 -3.22
CA THR A 199 -11.92 -12.75 -3.93
C THR A 199 -11.04 -12.61 -5.16
N GLN A 200 -10.76 -11.39 -5.62
CA GLN A 200 -10.07 -11.17 -6.89
CA GLN A 200 -10.06 -11.19 -6.88
C GLN A 200 -9.38 -9.82 -6.86
N ILE A 201 -8.43 -9.64 -7.74
CA ILE A 201 -7.88 -8.34 -8.07
C ILE A 201 -8.08 -8.12 -9.57
N THR A 202 -8.18 -6.84 -9.96
CA THR A 202 -8.26 -6.39 -11.33
C THR A 202 -7.01 -5.62 -11.65
N THR A 203 -6.39 -5.95 -12.77
CA THR A 203 -5.15 -5.31 -13.19
C THR A 203 -5.22 -4.90 -14.68
N ILE A 204 -4.47 -3.87 -14.99
CA ILE A 204 -4.24 -3.46 -16.36
C ILE A 204 -3.39 -4.51 -17.07
N GLY A 205 -3.73 -4.82 -18.30
CA GLY A 205 -2.93 -5.75 -19.11
C GLY A 205 -1.51 -5.25 -19.30
N ASP A 206 -0.60 -6.21 -19.37
CA ASP A 206 0.80 -5.95 -19.51
C ASP A 206 1.19 -5.15 -20.72
N LYS A 207 0.45 -5.21 -21.81
CA LYS A 207 0.85 -4.45 -22.96
C LYS A 207 0.90 -2.96 -22.70
N TYR A 208 0.11 -2.46 -21.75
CA TYR A 208 0.18 -1.02 -21.41
C TYR A 208 1.55 -0.65 -20.83
N LEU A 209 2.24 -1.58 -20.20
N LEU A 209 2.18 -1.60 -20.18
CA LEU A 209 3.53 -1.31 -19.60
CA LEU A 209 3.47 -1.44 -19.55
C LEU A 209 4.71 -1.82 -20.43
C LEU A 209 4.64 -1.62 -20.54
N THR A 210 4.43 -2.38 -21.62
CA THR A 210 5.51 -2.86 -22.47
C THR A 210 5.55 -2.31 -23.89
N THR A 211 4.42 -1.82 -24.41
CA THR A 211 4.26 -1.70 -25.83
C THR A 211 3.97 -0.27 -26.22
N ILE A 212 4.67 0.22 -27.21
CA ILE A 212 4.39 1.48 -27.91
C ILE A 212 3.54 1.15 -29.12
N THR A 213 2.48 1.90 -29.32
CA THR A 213 1.55 1.74 -30.43
C THR A 213 1.45 3.06 -31.17
N LEU A 214 1.40 3.01 -32.51
CA LEU A 214 1.27 4.23 -33.32
C LEU A 214 0.60 3.94 -34.66
N ASP A 215 0.03 5.00 -35.22
CA ASP A 215 -0.49 5.01 -36.56
C ASP A 215 0.39 5.96 -37.37
N ALA A 216 0.61 5.62 -38.62
CA ALA A 216 1.42 6.45 -39.51
C ALA A 216 0.96 6.31 -40.95
N ILE A 217 1.20 7.34 -41.74
CA ILE A 217 0.73 7.40 -43.11
C ILE A 217 1.81 8.08 -43.94
N ALA A 218 2.03 7.54 -45.16
CA ALA A 218 2.91 8.16 -46.15
C ALA A 218 2.08 8.72 -47.26
N GLY A 219 2.60 9.79 -47.88
CA GLY A 219 1.94 10.41 -48.97
C GLY A 219 2.91 10.78 -50.06
N SER A 220 2.48 10.64 -51.32
CA SER A 220 3.32 10.90 -52.50
C SER A 220 2.52 11.63 -53.55
N LYS A 221 3.24 12.49 -54.29
CA LYS A 221 2.70 13.16 -55.46
C LYS A 221 3.82 13.29 -56.45
N GLY A 222 3.49 13.11 -57.73
CA GLY A 222 4.54 13.30 -58.71
C GLY A 222 5.67 12.30 -58.62
N ASN A 223 6.90 12.82 -58.84
CA ASN A 223 8.13 12.05 -58.93
C ASN A 223 9.11 12.59 -57.89
N PRO A 224 8.88 12.33 -56.58
CA PRO A 224 9.84 12.73 -55.55
C PRO A 224 11.19 12.01 -55.73
N THR A 225 12.28 12.75 -55.53
CA THR A 225 13.63 12.19 -55.66
C THR A 225 14.53 12.88 -54.65
N GLN A 226 15.81 12.63 -54.78
CA GLN A 226 16.75 13.33 -53.91
C GLN A 226 16.69 14.84 -54.11
N SER A 227 16.18 15.33 -55.26
CA SER A 227 16.09 16.77 -55.44
C SER A 227 14.87 17.42 -54.78
N SER A 228 14.00 16.64 -54.09
CA SER A 228 12.81 17.19 -53.45
C SER A 228 13.20 17.72 -52.06
N ALA A 229 14.03 18.77 -52.07
CA ALA A 229 14.73 19.17 -50.85
C ALA A 229 14.25 20.49 -50.27
N THR A 230 13.03 20.86 -50.59
CA THR A 230 12.37 21.99 -49.95
C THR A 230 11.56 21.41 -48.78
N TYR A 231 11.93 21.79 -47.56
CA TYR A 231 11.48 21.08 -46.38
C TYR A 231 10.54 21.90 -45.52
N ALA A 232 10.06 23.04 -46.02
CA ALA A 232 9.28 23.98 -45.21
C ALA A 232 8.02 23.37 -44.62
N GLU A 233 7.47 22.33 -45.22
CA GLU A 233 6.23 21.74 -44.74
C GLU A 233 6.48 20.45 -43.97
N GLN A 234 7.72 20.18 -43.60
CA GLN A 234 8.14 18.99 -42.90
C GLN A 234 7.87 17.77 -43.77
N ASP A 235 8.09 17.95 -45.07
CA ASP A 235 8.05 16.88 -46.06
C ASP A 235 9.07 17.26 -47.12
N CYS A 236 9.22 16.40 -48.12
CA CYS A 236 10.19 16.60 -49.19
C CYS A 236 9.51 17.02 -50.48
N GLN A 237 9.74 18.25 -50.94
CA GLN A 237 9.09 18.80 -52.15
C GLN A 237 10.08 19.41 -53.10
N ASP A 238 9.76 19.30 -54.40
CA ASP A 238 10.37 20.18 -55.41
C ASP A 238 9.48 20.26 -56.62
N GLY A 239 9.83 21.23 -57.49
CA GLY A 239 9.07 21.43 -58.70
C GLY A 239 7.89 22.36 -58.48
N GLY A 240 7.57 23.12 -59.53
CA GLY A 240 6.43 23.99 -59.37
C GLY A 240 6.67 24.95 -58.23
N ASN A 241 5.62 25.21 -57.46
CA ASN A 241 5.67 26.05 -56.26
C ASN A 241 5.45 25.21 -55.01
N PRO A 242 6.51 24.69 -54.40
CA PRO A 242 6.36 23.93 -53.15
C PRO A 242 5.58 24.74 -52.13
N GLY A 243 4.77 24.04 -51.32
CA GLY A 243 3.97 24.70 -50.33
C GLY A 243 3.09 23.76 -49.55
N PRO A 244 2.23 24.31 -48.71
CA PRO A 244 1.26 23.50 -47.95
C PRO A 244 0.45 22.54 -48.82
N ASN A 245 0.14 21.38 -48.24
CA ASN A 245 -0.70 20.36 -48.87
C ASN A 245 -0.10 19.91 -50.20
N PHE A 246 1.19 19.57 -50.17
CA PHE A 246 1.91 19.11 -51.37
C PHE A 246 1.74 20.08 -52.54
N GLY A 247 1.94 21.35 -52.28
CA GLY A 247 1.83 22.34 -53.35
C GLY A 247 2.76 22.09 -54.53
N GLY A 248 3.93 21.57 -54.26
CA GLY A 248 4.93 21.36 -55.28
C GLY A 248 4.54 20.26 -56.25
N ALA A 249 5.27 20.22 -57.36
CA ALA A 249 5.00 19.20 -58.36
C ALA A 249 5.27 17.78 -57.82
N ASN A 250 6.35 17.63 -57.07
CA ASN A 250 6.80 16.33 -56.56
C ASN A 250 6.87 16.45 -55.05
N ALA A 251 6.30 15.46 -54.37
CA ALA A 251 6.24 15.50 -52.91
C ALA A 251 6.25 14.09 -52.34
N LEU A 252 6.87 13.99 -51.16
CA LEU A 252 6.86 12.75 -50.39
C LEU A 252 6.99 13.12 -48.93
N GLY A 253 6.21 12.46 -48.09
CA GLY A 253 6.22 12.77 -46.67
C GLY A 253 5.56 11.67 -45.88
N LEU A 254 5.76 11.74 -44.56
CA LEU A 254 4.98 10.86 -43.67
C LEU A 254 4.59 11.65 -42.45
N GLN A 255 3.53 11.20 -41.77
CA GLN A 255 3.16 11.71 -40.47
C GLN A 255 2.82 10.52 -39.57
N VAL A 256 3.20 10.68 -38.28
CA VAL A 256 2.75 9.81 -37.21
C VAL A 256 1.51 10.47 -36.62
N THR A 257 0.35 9.89 -36.91
CA THR A 257 -0.91 10.57 -36.65
C THR A 257 -1.44 10.38 -35.25
N LYS A 258 -0.99 9.31 -34.58
CA LYS A 258 -1.33 9.12 -33.18
C LYS A 258 -0.40 8.07 -32.63
N LEU A 259 -0.22 8.14 -31.33
CA LEU A 259 0.44 7.11 -30.53
C LEU A 259 -0.41 6.80 -29.31
N GLY A 260 -0.09 5.67 -28.67
CA GLY A 260 -0.68 5.32 -27.40
C GLY A 260 -1.27 3.92 -27.46
N THR A 261 -1.02 3.12 -26.43
CA THR A 261 -1.56 1.73 -26.32
C THR A 261 -2.78 1.81 -25.41
N LYS A 262 -3.84 1.14 -25.82
CA LYS A 262 -5.06 1.13 -25.07
C LYS A 262 -4.93 0.22 -23.87
N ALA A 263 -5.43 0.67 -22.72
CA ALA A 263 -5.47 -0.13 -21.51
C ALA A 263 -6.57 -1.16 -21.67
N THR A 264 -6.30 -2.34 -21.21
CA THR A 264 -7.26 -3.41 -20.99
C THR A 264 -7.22 -3.84 -19.53
N THR A 265 -8.28 -4.53 -19.07
CA THR A 265 -8.32 -5.05 -17.72
C THR A 265 -8.42 -6.57 -17.69
N GLU A 266 -7.95 -7.10 -16.58
CA GLU A 266 -7.92 -8.54 -16.39
C GLU A 266 -8.23 -8.84 -14.95
N LYS A 267 -8.89 -9.97 -14.68
CA LYS A 267 -9.24 -10.42 -13.34
C LYS A 267 -8.38 -11.63 -12.96
N THR A 268 -7.93 -11.64 -11.73
CA THR A 268 -7.14 -12.76 -11.15
C THR A 268 -7.77 -13.12 -9.80
N ASN A 269 -8.14 -14.41 -9.64
CA ASN A 269 -8.61 -14.90 -8.38
C ASN A 269 -7.55 -15.02 -7.33
N LEU A 270 -7.90 -14.67 -6.11
CA LEU A 270 -6.99 -14.85 -4.95
C LEU A 270 -6.88 -16.31 -4.52
N TYR A 271 -7.98 -17.02 -4.49
CA TYR A 271 -8.06 -18.37 -3.91
C TYR A 271 -8.27 -19.43 -4.97
N THR A 272 -7.85 -20.65 -4.60
CA THR A 272 -8.21 -21.81 -5.41
C THR A 272 -9.71 -22.03 -5.44
N ALA A 273 -10.15 -22.96 -6.28
CA ALA A 273 -11.57 -23.23 -6.41
C ALA A 273 -12.21 -23.51 -5.04
N GLY A 274 -11.51 -24.25 -4.13
CA GLY A 274 -12.10 -24.61 -2.85
C GLY A 274 -12.24 -23.42 -1.91
N GLY A 275 -11.54 -22.34 -2.20
CA GLY A 275 -11.71 -21.08 -1.51
C GLY A 275 -10.81 -20.84 -0.31
N THR A 276 -10.01 -21.83 0.09
CA THR A 276 -9.19 -21.76 1.30
C THR A 276 -7.77 -21.27 0.94
N GLU A 277 -7.17 -21.93 -0.02
CA GLU A 277 -5.76 -21.85 -0.32
CA GLU A 277 -5.76 -21.81 -0.29
C GLU A 277 -5.55 -20.74 -1.34
N CYS A 278 -4.38 -20.14 -1.28
CA CYS A 278 -4.04 -19.12 -2.27
C CYS A 278 -3.73 -19.75 -3.61
N GLU A 279 -4.29 -19.17 -4.66
N GLU A 279 -4.32 -19.18 -4.65
CA GLU A 279 -3.92 -19.50 -6.02
CA GLU A 279 -3.89 -19.50 -5.98
C GLU A 279 -2.54 -18.75 -6.30
C GLU A 279 -2.57 -18.74 -6.26
N HIS A 280 -1.91 -19.11 -7.28
CA HIS A 280 -0.76 -18.53 -7.71
C HIS A 280 0.42 -18.61 -6.76
N GLN A 281 0.59 -19.77 -6.08
CA GLN A 281 1.80 -19.98 -5.30
C GLN A 281 3.02 -19.93 -6.23
N PRO A 282 4.11 -19.31 -5.81
CA PRO A 282 5.35 -19.29 -6.59
C PRO A 282 6.04 -20.66 -6.59
N GLY A 283 6.93 -20.81 -7.54
CA GLY A 283 7.78 -22.04 -7.60
C GLY A 283 7.24 -23.05 -8.53
N ASN A 284 6.16 -22.80 -9.24
CA ASN A 284 5.49 -23.80 -10.12
C ASN A 284 5.66 -23.47 -11.60
N GLY A 285 6.55 -22.53 -11.95
CA GLY A 285 6.71 -22.09 -13.30
C GLY A 285 6.64 -20.55 -13.39
N PRO A 286 6.96 -20.00 -14.54
CA PRO A 286 6.89 -18.53 -14.72
C PRO A 286 5.51 -18.02 -14.41
N GLN A 287 5.49 -16.82 -13.83
CA GLN A 287 4.25 -16.12 -13.49
C GLN A 287 4.25 -14.73 -14.08
N LYS A 288 3.04 -14.27 -14.31
CA LYS A 288 2.79 -12.87 -14.68
C LYS A 288 2.65 -12.00 -13.44
N THR A 289 2.81 -10.67 -13.64
CA THR A 289 2.66 -9.75 -12.53
C THR A 289 1.36 -9.93 -11.75
N LYS A 290 0.26 -10.04 -12.48
CA LYS A 290 -1.01 -10.15 -11.82
C LYS A 290 -1.11 -11.34 -10.91
N GLN A 291 -0.42 -12.46 -11.28
CA GLN A 291 -0.46 -13.68 -10.50
C GLN A 291 0.42 -13.55 -9.25
N ARG A 292 1.59 -12.91 -9.38
CA ARG A 292 2.39 -12.66 -8.20
CA ARG A 292 2.44 -12.61 -8.23
C ARG A 292 1.68 -11.74 -7.23
N LEU A 293 1.01 -10.70 -7.71
CA LEU A 293 0.27 -9.81 -6.83
C LEU A 293 -0.88 -10.51 -6.16
N ALA A 294 -1.61 -11.32 -6.90
CA ALA A 294 -2.70 -12.02 -6.30
C ALA A 294 -2.25 -12.92 -5.19
N TYR A 295 -1.14 -13.63 -5.40
CA TYR A 295 -0.63 -14.44 -4.32
C TYR A 295 -0.31 -13.68 -3.09
N LEU A 296 0.36 -12.55 -3.27
CA LEU A 296 0.75 -11.77 -2.09
C LEU A 296 -0.44 -11.18 -1.36
N VAL A 297 -1.43 -10.70 -2.11
CA VAL A 297 -2.66 -10.19 -1.52
C VAL A 297 -3.38 -11.29 -0.77
N CYS A 298 -3.50 -12.48 -1.36
CA CYS A 298 -4.16 -13.57 -0.68
C CYS A 298 -3.47 -13.89 0.65
N GLU A 299 -2.12 -14.04 0.62
CA GLU A 299 -1.41 -14.35 1.85
CA GLU A 299 -1.41 -14.35 1.86
C GLU A 299 -1.56 -13.24 2.89
N ALA A 300 -1.51 -11.96 2.46
CA ALA A 300 -1.69 -10.85 3.43
C ALA A 300 -3.06 -10.79 4.02
N ASN A 301 -4.09 -11.19 3.25
CA ASN A 301 -5.45 -11.28 3.75
C ASN A 301 -5.60 -12.43 4.71
N LYS A 302 -4.94 -13.55 4.47
CA LYS A 302 -5.05 -14.70 5.36
C LYS A 302 -4.32 -14.51 6.66
N ALA A 303 -3.30 -13.66 6.67
CA ALA A 303 -2.42 -13.51 7.84
C ALA A 303 -2.98 -12.48 8.79
N ALA A 304 -4.06 -12.88 9.43
CA ALA A 304 -4.79 -11.98 10.31
C ALA A 304 -3.96 -11.65 11.55
N ILE A 305 -4.03 -10.39 11.96
CA ILE A 305 -3.34 -9.97 13.19
C ILE A 305 -4.29 -10.12 14.36
N ILE A 306 -3.73 -10.63 15.46
CA ILE A 306 -4.40 -10.72 16.77
C ILE A 306 -3.85 -9.63 17.69
N THR A 307 -4.71 -8.75 18.07
CA THR A 307 -4.36 -7.73 19.04
C THR A 307 -4.76 -8.16 20.45
N PRO A 308 -3.87 -7.96 21.42
CA PRO A 308 -4.18 -8.34 22.80
C PRO A 308 -5.06 -7.28 23.43
N THR A 309 -5.53 -7.61 24.61
CA THR A 309 -6.35 -6.69 25.35
C THR A 309 -5.60 -5.38 25.56
N ASP A 310 -6.35 -4.27 25.52
CA ASP A 310 -5.81 -2.96 25.82
C ASP A 310 -5.76 -2.79 27.35
N LEU A 311 -4.54 -2.85 27.89
CA LEU A 311 -4.36 -2.78 29.34
C LEU A 311 -4.81 -1.44 29.92
N GLN A 312 -4.65 -0.35 29.19
CA GLN A 312 -5.02 0.97 29.76
C GLN A 312 -6.54 1.14 29.93
N THR A 313 -7.34 0.33 29.25
CA THR A 313 -8.78 0.38 29.41
C THR A 313 -9.37 -0.93 29.92
N LEU A 314 -8.54 -1.74 30.55
CA LEU A 314 -8.98 -2.99 31.12
C LEU A 314 -10.18 -2.78 32.04
N THR A 315 -11.16 -3.69 31.93
CA THR A 315 -12.25 -3.80 32.89
C THR A 315 -11.98 -4.95 33.88
N LEU A 316 -12.65 -4.89 35.02
CA LEU A 316 -12.49 -5.97 35.98
C LEU A 316 -12.88 -7.33 35.38
N ASP A 317 -14.02 -7.38 34.70
CA ASP A 317 -14.50 -8.64 34.17
C ASP A 317 -13.56 -9.21 33.12
N ALA A 318 -12.97 -8.34 32.29
CA ALA A 318 -11.98 -8.79 31.33
C ALA A 318 -10.74 -9.32 32.04
N LEU A 319 -10.35 -8.70 33.15
CA LEU A 319 -9.17 -9.20 33.85
C LEU A 319 -9.43 -10.58 34.46
N ILE A 320 -10.55 -10.74 35.17
CA ILE A 320 -10.73 -12.00 35.89
C ILE A 320 -11.14 -13.12 34.97
N SER A 321 -11.68 -12.80 33.78
CA SER A 321 -11.99 -13.81 32.79
C SER A 321 -10.79 -14.14 31.90
N ALA A 322 -9.68 -13.42 32.03
CA ALA A 322 -8.54 -13.66 31.18
C ALA A 322 -7.92 -15.01 31.54
N PRO A 323 -7.64 -15.87 30.56
CA PRO A 323 -7.09 -17.18 30.91
C PRO A 323 -5.76 -17.12 31.64
N GLU A 324 -4.90 -16.18 31.26
CA GLU A 324 -3.58 -16.05 31.89
C GLU A 324 -3.66 -15.67 33.36
N MET A 325 -4.77 -15.06 33.81
CA MET A 325 -4.88 -14.63 35.21
C MET A 325 -5.14 -15.76 36.18
N ALA A 326 -5.59 -16.93 35.71
CA ALA A 326 -5.74 -18.08 36.60
C ALA A 326 -4.40 -18.44 37.24
N ALA A 327 -3.36 -18.68 36.42
CA ALA A 327 -2.07 -19.07 36.99
C ALA A 327 -1.40 -17.90 37.71
N ILE A 328 -1.50 -16.69 37.16
CA ILE A 328 -0.90 -15.53 37.80
C ILE A 328 -1.55 -15.28 39.16
N GLY A 329 -2.87 -15.34 39.21
CA GLY A 329 -3.56 -15.23 40.49
C GLY A 329 -3.18 -16.32 41.47
N ASP A 330 -3.11 -17.56 40.99
CA ASP A 330 -2.70 -18.66 41.87
C ASP A 330 -1.30 -18.39 42.42
N ALA A 331 -0.43 -17.77 41.62
CA ALA A 331 0.96 -17.56 42.04
C ALA A 331 1.09 -16.44 43.06
N LEU A 332 0.26 -15.42 42.99
CA LEU A 332 0.38 -14.22 43.79
C LEU A 332 -0.63 -14.15 44.93
N LEU A 333 -1.76 -14.84 44.78
CA LEU A 333 -2.87 -14.82 45.71
C LEU A 333 -3.06 -16.21 46.32
N ILE A 351 -9.99 -19.27 42.61
CA ILE A 351 -9.03 -18.25 42.13
C ILE A 351 -9.71 -16.96 41.66
N GLN A 352 -10.80 -17.08 40.90
CA GLN A 352 -11.51 -15.87 40.54
C GLN A 352 -12.03 -15.17 41.78
N GLN A 353 -12.41 -15.95 42.81
CA GLN A 353 -12.71 -15.42 44.13
C GLN A 353 -11.54 -14.61 44.68
N LEU A 354 -10.33 -15.18 44.63
CA LEU A 354 -9.14 -14.42 45.05
C LEU A 354 -8.87 -13.21 44.17
N LEU A 355 -9.19 -13.28 42.88
CA LEU A 355 -8.91 -12.13 42.03
C LEU A 355 -9.81 -10.95 42.39
N LYS A 356 -11.08 -11.22 42.68
CA LYS A 356 -11.97 -10.13 43.07
C LYS A 356 -11.53 -9.52 44.41
N LYS A 357 -11.03 -10.35 45.34
CA LYS A 357 -10.54 -9.81 46.59
C LYS A 357 -9.39 -8.82 46.37
N ALA A 358 -8.50 -9.11 45.40
CA ALA A 358 -7.36 -8.23 45.11
C ALA A 358 -7.75 -7.01 44.29
N TYR A 359 -8.61 -7.18 43.26
CA TYR A 359 -8.83 -6.14 42.24
C TYR A 359 -10.14 -5.39 42.38
N GLY A 360 -11.08 -5.92 43.15
CA GLY A 360 -12.35 -5.24 43.39
C GLY A 360 -13.47 -6.22 43.15
N GLN A 361 -14.57 -6.00 43.87
CA GLN A 361 -15.79 -6.74 43.57
C GLN A 361 -16.58 -6.08 42.45
N THR A 362 -16.35 -4.78 42.19
CA THR A 362 -16.99 -4.08 41.07
C THR A 362 -15.93 -3.52 40.11
N ASN A 363 -16.37 -3.26 38.87
CA ASN A 363 -15.51 -2.57 37.93
C ASN A 363 -15.25 -1.14 38.37
N GLU A 364 -16.24 -0.50 38.99
CA GLU A 364 -16.04 0.83 39.55
C GLU A 364 -14.85 0.83 40.51
N GLN A 365 -14.78 -0.16 41.42
CA GLN A 365 -13.67 -0.24 42.34
C GLN A 365 -12.36 -0.49 41.60
N PHE A 366 -12.38 -1.43 40.66
CA PHE A 366 -11.19 -1.73 39.88
C PHE A 366 -10.68 -0.50 39.13
N GLN A 367 -11.58 0.20 38.44
CA GLN A 367 -11.16 1.41 37.73
C GLN A 367 -10.56 2.41 38.71
N LYS A 368 -11.26 2.61 39.83
CA LYS A 368 -10.78 3.55 40.83
C LYS A 368 -9.34 3.26 41.23
N ASN A 369 -9.05 2.01 41.58
CA ASN A 369 -7.77 1.67 42.21
C ASN A 369 -6.63 1.38 41.23
N PHE A 370 -6.92 0.95 40.00
CA PHE A 370 -5.87 0.41 39.12
C PHE A 370 -5.81 1.04 37.74
N ILE A 371 -6.84 1.75 37.31
CA ILE A 371 -6.87 2.34 35.97
C ILE A 371 -6.85 3.88 36.04
N LYS A 372 -7.80 4.48 36.78
CA LYS A 372 -7.83 5.95 36.84
C LYS A 372 -6.51 6.56 37.32
N PRO A 373 -5.75 5.95 38.22
CA PRO A 373 -4.50 6.59 38.68
C PRO A 373 -3.49 6.82 37.57
N LEU A 374 -3.56 6.03 36.50
CA LEU A 374 -2.63 6.21 35.38
C LEU A 374 -2.71 7.64 34.83
N ALA A 375 -3.92 8.14 34.66
CA ALA A 375 -4.09 9.45 34.04
C ALA A 375 -4.18 10.56 35.06
N ALA A 376 -4.68 10.28 36.26
CA ALA A 376 -5.05 11.34 37.19
C ALA A 376 -4.06 11.53 38.34
N GLN A 377 -3.29 10.50 38.70
CA GLN A 377 -2.42 10.61 39.86
C GLN A 377 -1.16 11.36 39.50
N THR A 378 -0.94 12.50 40.19
CA THR A 378 0.26 13.29 40.01
C THR A 378 1.37 12.75 40.89
N VAL A 379 2.58 12.72 40.34
CA VAL A 379 3.78 12.30 41.04
C VAL A 379 4.75 13.46 41.00
N LYS A 380 5.24 13.89 42.17
CA LYS A 380 6.17 15.01 42.25
C LYS A 380 7.38 14.60 43.07
N PHE A 381 8.58 14.97 42.61
CA PHE A 381 9.80 14.77 43.39
C PHE A 381 10.93 15.62 42.82
N LYS A 382 11.97 15.80 43.62
CA LYS A 382 13.11 16.62 43.22
C LYS A 382 14.40 15.82 43.38
N SER A 389 7.51 16.64 38.32
CA SER A 389 6.06 16.59 38.53
C SER A 389 5.28 16.22 37.27
N ASN A 390 4.52 15.13 37.32
CA ASN A 390 3.75 14.69 36.17
C ASN A 390 2.79 13.61 36.64
N THR A 391 1.78 13.31 35.82
CA THR A 391 0.92 12.19 36.14
C THR A 391 1.61 10.85 35.80
N VAL A 392 1.13 9.77 36.44
CA VAL A 392 1.83 8.47 36.41
C VAL A 392 2.21 8.03 35.00
N ALA A 393 1.21 7.94 34.11
CA ALA A 393 1.45 7.32 32.81
C ALA A 393 2.38 8.18 31.96
N ALA A 394 2.19 9.52 31.99
CA ALA A 394 3.05 10.38 31.19
C ALA A 394 4.48 10.35 31.71
N LEU A 395 4.63 10.40 33.05
CA LEU A 395 5.94 10.31 33.68
C LEU A 395 6.67 9.05 33.26
N MET A 396 5.99 7.89 33.30
CA MET A 396 6.65 6.63 32.96
C MET A 396 6.85 6.44 31.46
N SER A 397 6.44 7.38 30.63
CA SER A 397 6.83 7.40 29.23
C SER A 397 7.68 8.60 28.85
N SER A 398 8.28 9.26 29.84
CA SER A 398 9.00 10.50 29.68
C SER A 398 10.47 10.24 29.97
N PRO A 399 11.32 11.27 29.81
CA PRO A 399 12.75 11.08 30.06
C PRO A 399 13.11 10.82 31.50
N ASN A 400 12.22 11.14 32.44
CA ASN A 400 12.43 10.90 33.86
C ASN A 400 11.83 9.58 34.35
N SER A 401 11.36 8.73 33.44
CA SER A 401 10.67 7.49 33.80
C SER A 401 11.49 6.64 34.75
N GLY A 402 12.68 6.27 34.34
CA GLY A 402 13.51 5.41 35.17
C GLY A 402 13.89 6.05 36.48
N LEU A 403 14.17 7.35 36.46
CA LEU A 403 14.55 8.01 37.70
C LEU A 403 13.39 8.07 38.68
N ALA A 404 12.18 8.31 38.17
CA ALA A 404 10.99 8.25 39.03
C ALA A 404 10.88 6.90 39.72
N LEU A 405 11.14 5.82 38.99
CA LEU A 405 11.14 4.50 39.60
C LEU A 405 12.22 4.38 40.66
N ALA A 406 13.46 4.74 40.32
CA ALA A 406 14.55 4.64 41.32
C ALA A 406 14.24 5.46 42.55
N TYR A 407 13.67 6.65 42.36
CA TYR A 407 13.42 7.53 43.50
C TYR A 407 12.44 6.90 44.46
N HIS A 408 11.34 6.35 43.93
CA HIS A 408 10.32 5.82 44.81
C HIS A 408 10.70 4.44 45.35
N LYS A 409 11.44 3.64 44.60
CA LYS A 409 11.94 2.38 45.14
C LYS A 409 12.93 2.63 46.27
N GLY A 410 13.69 3.73 46.20
CA GLY A 410 14.60 4.10 47.27
C GLY A 410 13.92 4.69 48.49
N LYS A 411 12.81 5.41 48.30
CA LYS A 411 12.03 6.01 49.37
C LYS A 411 10.93 5.02 49.74
#